data_7CSG
#
_entry.id   7CSG
#
_cell.length_a   44.291
_cell.length_b   57.936
_cell.length_c   71.559
_cell.angle_alpha   107.318
_cell.angle_beta   95.772
_cell.angle_gamma   113.244
#
_symmetry.space_group_name_H-M   'P 1'
#
loop_
_entity.id
_entity.type
_entity.pdbx_description
1 polymer 'Pinoresinol reductase 2'
2 water water
#
_entity_poly.entity_id   1
_entity_poly.type   'polypeptide(L)'
_entity_poly.pdbx_seq_one_letter_code
;MKETNFGEKTRVLVVGGTGSLGRRIVSACLAEGHETYVLQRPEIGVDIEKVQLLLSFKRLGAHLVEGSFSDHQSLVSAVK
QVDVVVSAMSGVHFRTHNIPVQLKLVAAIKEAGNVKRFLPSEFGMDPSRMGHAMPPGSETFDQKMEIRNAIKAAGISHTY
LVGACFAAYFGGNLSQMGTLFPPKNKVDIYGDGNVKVVFVDEDDMAKYTAKTLNDPRTLNKTVYVRPTDNILTQMELVQI
WEKLTEKELEKTYVSGNDFLADIEDKEISHQAGLGHFYHIYYEGCLTDHEVGDDEEATKLYPDVKYKRMDEYLKIFV
;
_entity_poly.pdbx_strand_id   A,B
#
# COMPACT_ATOMS: atom_id res chain seq x y z
N LYS A 9 15.08 -25.72 10.98
CA LYS A 9 14.48 -24.43 10.60
C LYS A 9 13.57 -23.88 11.70
N THR A 10 13.87 -22.67 12.18
CA THR A 10 12.99 -22.02 13.14
C THR A 10 11.69 -21.61 12.47
N ARG A 11 10.58 -21.88 13.13
CA ARG A 11 9.26 -21.52 12.62
C ARG A 11 8.85 -20.21 13.27
N VAL A 12 8.51 -19.23 12.44
CA VAL A 12 8.31 -17.84 12.85
C VAL A 12 6.96 -17.36 12.34
N LEU A 13 6.11 -16.84 13.23
CA LEU A 13 4.89 -16.16 12.82
C LEU A 13 5.11 -14.64 12.88
N VAL A 14 4.90 -13.96 11.76
CA VAL A 14 5.00 -12.51 11.70
C VAL A 14 3.60 -11.94 11.76
N VAL A 15 3.37 -11.05 12.72
CA VAL A 15 2.09 -10.37 12.91
C VAL A 15 2.29 -8.91 12.54
N GLY A 16 1.44 -8.41 11.64
CA GLY A 16 1.64 -7.11 11.07
C GLY A 16 2.44 -7.12 9.79
N GLY A 17 2.39 -8.22 9.04
CA GLY A 17 3.25 -8.41 7.90
C GLY A 17 2.94 -7.54 6.70
N THR A 18 1.80 -6.84 6.70
CA THR A 18 1.55 -5.84 5.64
C THR A 18 1.94 -4.43 6.05
N GLY A 19 2.53 -4.26 7.23
CA GLY A 19 3.01 -2.97 7.65
C GLY A 19 4.34 -2.62 7.01
N SER A 20 4.79 -1.40 7.26
CA SER A 20 6.05 -0.96 6.67
C SER A 20 7.22 -1.77 7.22
N LEU A 21 7.34 -1.86 8.54
CA LEU A 21 8.38 -2.71 9.11
C LEU A 21 8.05 -4.19 8.95
N GLY A 22 6.78 -4.55 9.15
CA GLY A 22 6.40 -5.96 9.11
C GLY A 22 6.74 -6.63 7.78
N ARG A 23 6.48 -5.95 6.65
CA ARG A 23 6.75 -6.61 5.38
C ARG A 23 8.25 -6.76 5.13
N ARG A 24 9.07 -5.87 5.70
CA ARG A 24 10.51 -6.09 5.62
C ARG A 24 10.94 -7.23 6.53
N ILE A 25 10.23 -7.45 7.63
CA ILE A 25 10.58 -8.55 8.52
C ILE A 25 10.27 -9.90 7.86
N VAL A 26 9.13 -10.01 7.19
CA VAL A 26 8.82 -11.21 6.42
C VAL A 26 9.94 -11.50 5.42
N SER A 27 10.33 -10.49 4.63
CA SER A 27 11.37 -10.68 3.63
C SER A 27 12.69 -11.09 4.26
N ALA A 28 13.03 -10.49 5.40
CA ALA A 28 14.28 -10.84 6.05
C ALA A 28 14.21 -12.24 6.67
N CYS A 29 13.04 -12.64 7.17
CA CYS A 29 12.95 -14.00 7.70
C CYS A 29 13.08 -15.04 6.60
N LEU A 30 12.47 -14.78 5.44
CA LEU A 30 12.63 -15.68 4.31
C LEU A 30 14.10 -15.74 3.87
N ALA A 31 14.76 -14.57 3.79
CA ALA A 31 16.16 -14.53 3.37
C ALA A 31 17.07 -15.27 4.35
N GLU A 32 16.78 -15.17 5.65
CA GLU A 32 17.58 -15.86 6.66
C GLU A 32 17.33 -17.36 6.67
N GLY A 33 16.26 -17.85 6.04
CA GLY A 33 15.99 -19.27 5.99
C GLY A 33 14.99 -19.81 6.99
N HIS A 34 14.34 -18.94 7.76
CA HIS A 34 13.30 -19.39 8.68
C HIS A 34 12.09 -19.89 7.89
N GLU A 35 11.39 -20.86 8.49
CA GLU A 35 10.08 -21.27 7.99
C GLU A 35 9.08 -20.21 8.43
N THR A 36 8.61 -19.40 7.49
CA THR A 36 7.99 -18.13 7.80
C THR A 36 6.49 -18.19 7.56
N TYR A 37 5.73 -17.90 8.61
CA TYR A 37 4.28 -17.82 8.59
C TYR A 37 3.89 -16.36 8.71
N VAL A 38 2.86 -15.95 7.98
CA VAL A 38 2.40 -14.57 7.98
C VAL A 38 0.91 -14.55 8.30
N LEU A 39 0.55 -13.85 9.38
CA LEU A 39 -0.86 -13.74 9.75
C LEU A 39 -1.63 -12.99 8.67
N GLN A 40 -2.68 -13.63 8.16
CA GLN A 40 -3.51 -13.05 7.09
C GLN A 40 -4.81 -12.59 7.73
N ARG A 41 -4.95 -11.27 7.94
CA ARG A 41 -6.14 -10.79 8.64
C ARG A 41 -7.28 -10.51 7.66
N PRO A 42 -8.52 -10.72 8.08
CA PRO A 42 -9.65 -10.56 7.13
C PRO A 42 -9.76 -9.17 6.56
N GLU A 43 -9.51 -8.14 7.36
CA GLU A 43 -9.79 -6.77 6.92
C GLU A 43 -8.95 -6.37 5.72
N ILE A 44 -7.73 -6.92 5.61
CA ILE A 44 -6.88 -6.55 4.47
C ILE A 44 -7.15 -7.43 3.26
N GLY A 45 -8.06 -8.40 3.37
CA GLY A 45 -8.41 -9.26 2.26
C GLY A 45 -9.13 -8.56 1.12
N VAL A 46 -9.60 -7.32 1.33
CA VAL A 46 -10.25 -6.53 0.30
C VAL A 46 -9.33 -5.43 -0.24
N ASP A 47 -8.05 -5.42 0.15
CA ASP A 47 -7.10 -4.40 -0.27
C ASP A 47 -6.18 -5.02 -1.32
N ILE A 48 -6.26 -4.53 -2.57
CA ILE A 48 -5.58 -5.20 -3.67
C ILE A 48 -4.06 -5.16 -3.50
N GLU A 49 -3.51 -4.05 -3.00
CA GLU A 49 -2.07 -3.99 -2.77
C GLU A 49 -1.64 -4.95 -1.67
N LYS A 50 -2.43 -5.04 -0.60
CA LYS A 50 -2.03 -5.92 0.48
C LYS A 50 -2.20 -7.39 0.11
N VAL A 51 -3.13 -7.69 -0.80
CA VAL A 51 -3.30 -9.06 -1.25
C VAL A 51 -2.12 -9.47 -2.13
N GLN A 52 -1.66 -8.57 -3.00
CA GLN A 52 -0.55 -8.93 -3.86
C GLN A 52 0.77 -8.98 -3.08
N LEU A 53 0.89 -8.18 -2.03
CA LEU A 53 2.06 -8.29 -1.16
C LEU A 53 2.09 -9.66 -0.48
N LEU A 54 0.98 -10.09 0.10
CA LEU A 54 0.93 -11.43 0.70
C LEU A 54 1.24 -12.53 -0.31
N LEU A 55 0.81 -12.35 -1.57
CA LEU A 55 1.12 -13.34 -2.61
C LEU A 55 2.58 -13.30 -3.01
N SER A 56 3.23 -12.14 -2.94
CA SER A 56 4.66 -12.10 -3.14
C SER A 56 5.40 -12.84 -2.02
N PHE A 57 4.88 -12.79 -0.80
CA PHE A 57 5.43 -13.62 0.28
C PHE A 57 5.30 -15.10 -0.04
N LYS A 58 4.09 -15.53 -0.44
CA LYS A 58 3.85 -16.94 -0.74
C LYS A 58 4.83 -17.47 -1.80
N ARG A 59 5.04 -16.70 -2.88
CA ARG A 59 5.88 -17.19 -3.96
C ARG A 59 7.31 -17.41 -3.51
N LEU A 60 7.72 -16.70 -2.46
CA LEU A 60 9.04 -16.88 -1.88
C LEU A 60 9.07 -17.99 -0.83
N GLY A 61 7.93 -18.60 -0.53
CA GLY A 61 7.89 -19.73 0.39
C GLY A 61 7.20 -19.51 1.71
N ALA A 62 6.59 -18.36 1.94
CA ALA A 62 5.90 -18.12 3.20
C ALA A 62 4.55 -18.79 3.22
N HIS A 63 4.09 -19.13 4.42
CA HIS A 63 2.78 -19.72 4.63
C HIS A 63 1.85 -18.65 5.17
N LEU A 64 0.68 -18.51 4.56
CA LEU A 64 -0.31 -17.56 5.04
C LEU A 64 -1.22 -18.28 6.02
N VAL A 65 -1.45 -17.66 7.17
CA VAL A 65 -2.27 -18.23 8.23
C VAL A 65 -3.38 -17.24 8.54
N GLU A 66 -4.63 -17.69 8.44
CA GLU A 66 -5.75 -16.77 8.61
C GLU A 66 -6.08 -16.59 10.08
N GLY A 67 -6.29 -15.34 10.48
CA GLY A 67 -6.71 -15.03 11.85
C GLY A 67 -6.89 -13.53 11.97
N SER A 68 -7.53 -13.13 13.06
CA SER A 68 -7.76 -11.70 13.28
C SER A 68 -7.65 -11.38 14.76
N PHE A 69 -7.32 -10.12 15.04
CA PHE A 69 -7.18 -9.66 16.42
C PHE A 69 -8.50 -9.74 17.19
N SER A 70 -9.64 -9.69 16.51
CA SER A 70 -10.92 -9.78 17.20
C SER A 70 -11.37 -11.22 17.46
N ASP A 71 -10.53 -12.21 17.13
CA ASP A 71 -10.86 -13.63 17.25
C ASP A 71 -9.74 -14.29 18.06
N HIS A 72 -9.89 -14.26 19.38
CA HIS A 72 -8.85 -14.79 20.27
C HIS A 72 -8.41 -16.19 19.87
N GLN A 73 -9.37 -17.07 19.59
CA GLN A 73 -9.02 -18.46 19.30
C GLN A 73 -8.28 -18.60 17.97
N SER A 74 -8.53 -17.70 17.02
CA SER A 74 -7.71 -17.72 15.81
C SER A 74 -6.27 -17.32 16.08
N LEU A 75 -6.03 -16.41 17.04
CA LEU A 75 -4.66 -16.04 17.39
C LEU A 75 -3.95 -17.20 18.09
N VAL A 76 -4.65 -17.87 19.00
CA VAL A 76 -4.10 -19.06 19.65
C VAL A 76 -3.71 -20.11 18.61
N SER A 77 -4.59 -20.39 17.64
CA SER A 77 -4.27 -21.44 16.65
C SER A 77 -3.09 -21.04 15.77
N ALA A 78 -2.95 -19.75 15.45
CA ALA A 78 -1.79 -19.32 14.67
C ALA A 78 -0.49 -19.49 15.47
N VAL A 79 -0.47 -19.03 16.72
CA VAL A 79 0.81 -19.11 17.44
C VAL A 79 1.11 -20.53 17.89
N LYS A 80 0.09 -21.39 18.04
CA LYS A 80 0.38 -22.77 18.39
C LYS A 80 1.18 -23.49 17.31
N GLN A 81 1.29 -22.93 16.11
CA GLN A 81 1.98 -23.59 15.01
C GLN A 81 3.44 -23.19 14.87
N VAL A 82 3.97 -22.29 15.69
CA VAL A 82 5.32 -21.78 15.48
C VAL A 82 6.12 -21.80 16.79
N ASP A 83 7.41 -21.53 16.65
CA ASP A 83 8.32 -21.37 17.78
C ASP A 83 8.50 -19.92 18.20
N VAL A 84 8.46 -18.99 17.27
CA VAL A 84 8.76 -17.58 17.53
C VAL A 84 7.64 -16.73 16.94
N VAL A 85 7.18 -15.74 17.70
CA VAL A 85 6.22 -14.76 17.24
C VAL A 85 6.92 -13.41 17.19
N VAL A 86 6.84 -12.75 16.04
CA VAL A 86 7.34 -11.39 15.82
C VAL A 86 6.15 -10.49 15.50
N SER A 87 6.07 -9.35 16.17
CA SER A 87 4.96 -8.44 16.00
C SER A 87 5.49 -7.07 15.60
N ALA A 88 4.83 -6.42 14.64
CA ALA A 88 5.27 -5.10 14.19
C ALA A 88 4.03 -4.31 13.75
N MET A 89 3.57 -3.40 14.60
CA MET A 89 2.31 -2.70 14.40
C MET A 89 2.44 -1.41 13.60
N SER A 90 3.65 -1.01 13.21
CA SER A 90 3.77 0.17 12.35
C SER A 90 3.06 -0.10 11.03
N GLY A 91 1.76 0.15 10.97
CA GLY A 91 0.97 -0.11 9.78
C GLY A 91 -0.52 -0.18 10.03
N ASN A 98 0.52 -0.53 18.62
CA ASN A 98 -0.75 -0.35 19.34
C ASN A 98 -0.84 -1.26 20.58
N ILE A 99 -1.35 -0.68 21.67
CA ILE A 99 -1.31 -1.35 22.98
C ILE A 99 -2.31 -2.50 23.05
N PRO A 100 -3.62 -2.28 22.87
CA PRO A 100 -4.55 -3.42 22.99
C PRO A 100 -4.19 -4.59 22.09
N VAL A 101 -3.66 -4.33 20.90
CA VAL A 101 -3.40 -5.41 19.96
C VAL A 101 -2.25 -6.28 20.46
N GLN A 102 -1.16 -5.65 20.92
CA GLN A 102 -0.07 -6.41 21.51
C GLN A 102 -0.55 -7.20 22.72
N LEU A 103 -1.45 -6.63 23.51
CA LEU A 103 -1.91 -7.35 24.69
C LEU A 103 -2.82 -8.51 24.33
N LYS A 104 -3.56 -8.39 23.22
CA LYS A 104 -4.32 -9.54 22.72
C LYS A 104 -3.38 -10.63 22.24
N LEU A 105 -2.28 -10.27 21.60
CA LEU A 105 -1.25 -11.25 21.23
C LEU A 105 -0.65 -11.90 22.47
N VAL A 106 -0.38 -11.10 23.51
CA VAL A 106 0.25 -11.66 24.71
C VAL A 106 -0.68 -12.68 25.36
N ALA A 107 -1.98 -12.37 25.41
CA ALA A 107 -2.93 -13.31 25.99
C ALA A 107 -3.02 -14.60 25.18
N ALA A 108 -2.97 -14.49 23.86
CA ALA A 108 -3.03 -15.69 23.03
C ALA A 108 -1.77 -16.54 23.18
N ILE A 109 -0.62 -15.88 23.27
CA ILE A 109 0.65 -16.58 23.47
C ILE A 109 0.67 -17.29 24.82
N LYS A 110 0.24 -16.58 25.88
CA LYS A 110 0.18 -17.20 27.20
C LYS A 110 -0.71 -18.45 27.17
N GLU A 111 -1.90 -18.32 26.56
CA GLU A 111 -2.81 -19.46 26.49
C GLU A 111 -2.21 -20.60 25.68
N ALA A 112 -1.55 -20.28 24.56
CA ALA A 112 -1.02 -21.34 23.70
C ALA A 112 0.07 -22.14 24.40
N GLY A 113 0.94 -21.47 25.17
CA GLY A 113 1.94 -22.13 25.99
C GLY A 113 3.19 -22.63 25.27
N ASN A 114 3.20 -22.69 23.95
CA ASN A 114 4.30 -23.32 23.22
C ASN A 114 5.37 -22.35 22.72
N VAL A 115 5.16 -21.03 22.83
CA VAL A 115 6.02 -20.09 22.13
C VAL A 115 7.37 -19.99 22.84
N LYS A 116 8.46 -20.17 22.07
CA LYS A 116 9.81 -20.09 22.63
C LYS A 116 10.30 -18.66 22.83
N ARG A 117 9.87 -17.72 22.00
CA ARG A 117 10.34 -16.33 22.07
C ARG A 117 9.32 -15.41 21.40
N PHE A 118 9.05 -14.28 22.03
CA PHE A 118 8.17 -13.25 21.48
C PHE A 118 8.98 -11.98 21.28
N LEU A 119 8.92 -11.42 20.08
CA LEU A 119 9.61 -10.16 19.77
C LEU A 119 8.56 -9.14 19.39
N PRO A 120 8.03 -8.37 20.36
CA PRO A 120 7.13 -7.28 20.01
C PRO A 120 7.92 -6.09 19.48
N SER A 121 7.44 -5.47 18.41
CA SER A 121 8.09 -4.23 17.99
C SER A 121 7.73 -3.12 18.96
N GLU A 122 8.72 -2.31 19.32
CA GLU A 122 8.50 -1.11 20.10
C GLU A 122 8.89 0.13 19.29
N PHE A 123 8.90 0.01 17.97
CA PHE A 123 9.23 1.11 17.06
C PHE A 123 10.63 1.67 17.35
N GLY A 124 11.50 0.82 17.91
CA GLY A 124 12.85 1.22 18.30
C GLY A 124 12.95 2.09 19.53
N MET A 125 11.86 2.24 20.29
CA MET A 125 11.78 3.19 21.40
C MET A 125 11.68 2.41 22.71
N ASP A 126 12.67 2.56 23.57
CA ASP A 126 12.72 1.86 24.85
C ASP A 126 11.77 2.49 25.87
N PRO A 127 10.62 1.87 26.14
CA PRO A 127 9.64 2.47 27.04
C PRO A 127 9.98 2.35 28.52
N SER A 128 11.04 1.63 28.90
CA SER A 128 11.42 1.51 30.31
C SER A 128 12.30 2.66 30.78
N ARG A 129 12.64 3.61 29.90
CA ARG A 129 13.36 4.81 30.30
C ARG A 129 12.48 6.04 30.18
N GLN A 143 0.31 3.46 31.08
CA GLN A 143 1.72 3.18 31.32
C GLN A 143 2.42 2.65 30.07
N LYS A 144 3.56 3.27 29.74
CA LYS A 144 4.37 2.82 28.61
C LYS A 144 4.81 1.37 28.75
N MET A 145 4.78 0.83 29.97
CA MET A 145 5.34 -0.48 30.29
C MET A 145 4.29 -1.59 30.31
N GLU A 146 3.09 -1.33 29.80
CA GLU A 146 1.99 -2.28 29.98
C GLU A 146 2.27 -3.59 29.26
N ILE A 147 2.85 -3.53 28.05
CA ILE A 147 3.10 -4.75 27.29
C ILE A 147 4.22 -5.55 27.92
N ARG A 148 5.31 -4.86 28.31
CA ARG A 148 6.41 -5.56 28.96
C ARG A 148 5.99 -6.15 30.29
N ASN A 149 5.12 -5.44 31.03
CA ASN A 149 4.64 -5.98 32.30
C ASN A 149 3.77 -7.21 32.09
N ALA A 150 2.96 -7.23 31.03
CA ALA A 150 2.15 -8.41 30.75
C ALA A 150 3.01 -9.56 30.25
N ILE A 151 4.07 -9.26 29.48
CA ILE A 151 5.02 -10.31 29.09
C ILE A 151 5.66 -10.93 30.32
N LYS A 152 6.11 -10.08 31.25
CA LYS A 152 6.73 -10.59 32.47
C LYS A 152 5.74 -11.43 33.27
N ALA A 153 4.53 -10.91 33.50
CA ALA A 153 3.54 -11.62 34.30
C ALA A 153 3.10 -12.92 33.66
N ALA A 154 3.17 -13.02 32.33
CA ALA A 154 2.82 -14.25 31.65
C ALA A 154 3.99 -15.23 31.55
N GLY A 155 5.20 -14.81 31.89
CA GLY A 155 6.33 -15.71 31.81
C GLY A 155 6.76 -16.05 30.40
N ILE A 156 6.53 -15.13 29.45
CA ILE A 156 6.87 -15.32 28.05
C ILE A 156 8.30 -14.87 27.80
N SER A 157 9.11 -15.73 27.17
CA SER A 157 10.47 -15.33 26.79
C SER A 157 10.43 -14.37 25.61
N HIS A 158 11.47 -13.55 25.47
CA HIS A 158 11.33 -12.40 24.58
C HIS A 158 12.70 -11.85 24.24
N THR A 159 12.71 -10.96 23.25
CA THR A 159 13.85 -10.10 22.96
C THR A 159 13.28 -8.74 22.57
N TYR A 160 13.82 -7.68 23.16
CA TYR A 160 13.45 -6.31 22.80
C TYR A 160 14.56 -5.69 21.96
N LEU A 161 14.20 -5.12 20.81
CA LEU A 161 15.11 -4.34 19.98
C LEU A 161 14.73 -2.87 20.08
N VAL A 162 15.63 -2.05 20.61
CA VAL A 162 15.33 -0.65 20.89
C VAL A 162 16.56 0.18 20.55
N GLY A 163 16.38 1.50 20.58
CA GLY A 163 17.50 2.42 20.61
C GLY A 163 17.72 3.24 19.36
N ALA A 164 16.81 3.21 18.39
CA ALA A 164 17.09 3.90 17.13
C ALA A 164 15.78 4.38 16.50
N CYS A 165 15.85 5.58 15.90
CA CYS A 165 14.76 6.14 15.09
C CYS A 165 14.77 5.55 13.68
N PHE A 166 13.61 5.18 13.18
CA PHE A 166 13.52 4.61 11.83
C PHE A 166 13.76 5.71 10.80
N ALA A 167 14.59 5.41 9.81
CA ALA A 167 15.00 6.46 8.87
C ALA A 167 13.82 6.96 8.05
N ALA A 168 12.83 6.11 7.78
CA ALA A 168 11.66 6.55 7.02
C ALA A 168 10.89 7.64 7.75
N TYR A 169 10.94 7.67 9.08
CA TYR A 169 10.12 8.58 9.87
C TYR A 169 10.88 9.75 10.47
N PHE A 170 12.21 9.66 10.58
CA PHE A 170 13.01 10.72 11.18
C PHE A 170 14.16 11.17 10.31
N GLY A 171 14.53 10.41 9.29
CA GLY A 171 15.69 10.69 8.49
C GLY A 171 15.38 11.37 7.18
N GLY A 172 14.55 10.72 6.36
CA GLY A 172 14.21 11.24 5.04
C GLY A 172 13.46 12.55 5.07
N ASN A 173 12.84 12.88 6.21
CA ASN A 173 12.17 14.16 6.39
C ASN A 173 13.04 15.17 7.12
N LEU A 174 14.32 14.86 7.35
CA LEU A 174 15.20 15.70 8.16
C LEU A 174 14.56 16.01 9.51
N SER A 175 13.84 15.03 10.05
CA SER A 175 13.22 15.07 11.36
C SER A 175 12.18 16.19 11.50
N GLN A 176 11.68 16.71 10.38
CA GLN A 176 10.65 17.74 10.43
C GLN A 176 9.33 17.10 10.83
N MET A 177 8.68 17.67 11.84
CA MET A 177 7.45 17.05 12.33
C MET A 177 6.26 17.47 11.48
N GLY A 178 5.24 16.62 11.48
CA GLY A 178 4.07 16.88 10.66
C GLY A 178 4.24 16.56 9.19
N THR A 179 5.36 15.95 8.80
CA THR A 179 5.53 15.56 7.41
C THR A 179 6.51 14.40 7.32
N LEU A 180 6.27 13.49 6.36
CA LEU A 180 7.21 12.45 6.02
C LEU A 180 7.94 12.73 4.71
N PHE A 181 7.66 13.87 4.08
CA PHE A 181 8.29 14.23 2.82
C PHE A 181 9.64 14.92 3.04
N PRO A 182 10.56 14.73 2.10
CA PRO A 182 11.85 15.46 2.12
C PRO A 182 11.63 16.97 2.23
N PRO A 183 12.65 17.71 2.70
CA PRO A 183 12.47 19.16 2.85
C PRO A 183 12.45 19.89 1.51
N LYS A 184 11.74 21.01 1.52
CA LYS A 184 11.98 22.07 0.58
C LYS A 184 13.06 22.96 1.18
N ASN A 185 13.12 24.20 0.74
CA ASN A 185 14.20 25.13 1.07
C ASN A 185 14.49 25.42 2.54
N LYS A 186 13.59 25.09 3.47
CA LYS A 186 13.77 25.48 4.86
C LYS A 186 13.48 24.31 5.78
N VAL A 187 14.07 24.36 6.99
CA VAL A 187 13.89 23.34 8.01
C VAL A 187 13.88 24.00 9.39
N ASP A 188 13.17 23.35 10.31
CA ASP A 188 13.30 23.67 11.72
C ASP A 188 14.50 22.89 12.28
N ILE A 189 15.32 23.58 13.07
CA ILE A 189 16.42 22.94 13.79
C ILE A 189 16.03 22.93 15.26
N TYR A 190 16.07 21.76 15.88
CA TYR A 190 15.57 21.60 17.25
C TYR A 190 16.67 21.90 18.26
N GLY A 191 16.44 22.93 19.08
CA GLY A 191 17.50 23.41 19.97
C GLY A 191 18.61 24.00 19.14
N ASP A 192 19.83 23.51 19.33
CA ASP A 192 20.94 23.80 18.43
C ASP A 192 21.20 22.67 17.44
N GLY A 193 20.39 21.62 17.45
CA GLY A 193 20.62 20.51 16.55
C GLY A 193 21.96 19.85 16.75
N ASN A 194 22.47 19.87 17.98
CA ASN A 194 23.75 19.28 18.31
C ASN A 194 23.61 18.12 19.28
N VAL A 195 22.44 17.48 19.33
CA VAL A 195 22.19 16.35 20.22
C VAL A 195 22.18 15.08 19.38
N LYS A 196 22.95 14.09 19.81
CA LYS A 196 23.15 12.89 19.00
C LYS A 196 21.91 12.01 19.00
N VAL A 197 21.45 11.66 17.81
CA VAL A 197 20.30 10.78 17.57
C VAL A 197 20.86 9.54 16.89
N VAL A 198 20.12 8.44 16.97
CA VAL A 198 20.49 7.19 16.32
C VAL A 198 19.45 6.89 15.25
N PHE A 199 19.90 6.70 14.00
CA PHE A 199 19.03 6.42 12.87
C PHE A 199 19.30 5.02 12.34
N VAL A 200 18.26 4.33 11.90
CA VAL A 200 18.43 3.03 11.28
C VAL A 200 17.39 2.87 10.18
N ASP A 201 17.82 2.32 9.04
CA ASP A 201 16.92 1.96 7.97
C ASP A 201 16.03 0.81 8.42
N GLU A 202 14.73 0.86 8.09
CA GLU A 202 13.85 -0.22 8.52
C GLU A 202 14.26 -1.54 7.89
N ASP A 203 14.83 -1.51 6.68
CA ASP A 203 15.37 -2.74 6.09
C ASP A 203 16.41 -3.38 7.01
N ASP A 204 17.24 -2.56 7.66
CA ASP A 204 18.29 -3.09 8.55
C ASP A 204 17.71 -3.55 9.88
N MET A 205 16.74 -2.81 10.43
CA MET A 205 16.05 -3.30 11.63
C MET A 205 15.43 -4.67 11.40
N ALA A 206 14.88 -4.89 10.20
CA ALA A 206 14.29 -6.17 9.85
C ALA A 206 15.34 -7.28 9.77
N LYS A 207 16.53 -6.98 9.22
CA LYS A 207 17.57 -7.99 9.19
C LYS A 207 18.04 -8.34 10.61
N TYR A 208 18.15 -7.33 11.47
CA TYR A 208 18.58 -7.61 12.84
C TYR A 208 17.52 -8.45 13.56
N THR A 209 16.24 -8.15 13.33
CA THR A 209 15.16 -8.95 13.93
C THR A 209 15.27 -10.41 13.51
N ALA A 210 15.47 -10.63 12.21
CA ALA A 210 15.55 -11.99 11.68
C ALA A 210 16.81 -12.71 12.13
N LYS A 211 17.91 -11.98 12.34
CA LYS A 211 19.13 -12.60 12.88
C LYS A 211 18.97 -12.96 14.34
N THR A 212 18.34 -12.09 15.14
CA THR A 212 18.41 -12.24 16.59
C THR A 212 17.36 -13.21 17.15
N LEU A 213 16.32 -13.53 16.39
CA LEU A 213 15.13 -14.16 16.97
C LEU A 213 15.38 -15.61 17.38
N ASN A 214 16.47 -16.24 16.92
CA ASN A 214 16.87 -17.55 17.43
C ASN A 214 18.31 -17.54 17.92
N ASP A 215 18.83 -16.35 18.27
CA ASP A 215 20.17 -16.22 18.81
C ASP A 215 20.14 -16.49 20.31
N PRO A 216 20.82 -17.52 20.80
CA PRO A 216 20.85 -17.77 22.25
C PRO A 216 21.40 -16.59 23.01
N ARG A 217 22.29 -15.80 22.39
CA ARG A 217 22.89 -14.65 23.05
C ARG A 217 21.88 -13.56 23.39
N THR A 218 20.71 -13.55 22.75
CA THR A 218 19.74 -12.48 22.96
C THR A 218 18.42 -12.95 23.56
N LEU A 219 18.30 -14.23 23.91
CA LEU A 219 17.10 -14.69 24.60
C LEU A 219 16.93 -13.96 25.92
N ASN A 220 15.75 -13.37 26.11
CA ASN A 220 15.37 -12.66 27.33
C ASN A 220 16.32 -11.50 27.62
N LYS A 221 16.71 -10.78 26.55
CA LYS A 221 17.60 -9.63 26.62
C LYS A 221 16.99 -8.47 25.85
N THR A 222 17.37 -7.26 26.23
CA THR A 222 17.21 -6.11 25.36
C THR A 222 18.43 -6.01 24.44
N VAL A 223 18.18 -5.83 23.15
CA VAL A 223 19.23 -5.61 22.15
C VAL A 223 19.13 -4.16 21.66
N TYR A 224 20.23 -3.43 21.79
CA TYR A 224 20.28 -2.03 21.35
C TYR A 224 20.77 -1.97 19.91
N VAL A 225 20.06 -1.23 19.06
CA VAL A 225 20.49 -1.01 17.68
C VAL A 225 21.16 0.35 17.64
N ARG A 226 22.48 0.37 17.52
CA ARG A 226 23.23 1.64 17.52
C ARG A 226 24.34 1.58 16.48
N PRO A 227 24.00 1.74 15.20
CA PRO A 227 25.02 1.71 14.15
C PRO A 227 25.88 2.96 14.21
N THR A 228 27.18 2.77 14.46
CA THR A 228 28.04 3.89 14.82
C THR A 228 27.98 5.00 13.77
N ASP A 229 27.98 4.65 12.48
CA ASP A 229 28.00 5.67 11.44
C ASP A 229 26.69 6.43 11.34
N ASN A 230 25.61 5.95 11.98
CA ASN A 230 24.31 6.60 11.96
C ASN A 230 23.99 7.26 13.29
N ILE A 231 25.00 7.49 14.12
CA ILE A 231 24.88 8.32 15.31
C ILE A 231 25.17 9.76 14.88
N LEU A 232 24.12 10.59 14.78
CA LEU A 232 24.21 11.88 14.11
C LEU A 232 23.37 12.91 14.86
N THR A 233 23.91 14.10 15.03
CA THR A 233 23.08 15.22 15.44
C THR A 233 22.15 15.61 14.30
N GLN A 234 21.10 16.37 14.61
CA GLN A 234 20.23 16.84 13.54
C GLN A 234 21.00 17.71 12.55
N MET A 235 21.91 18.57 13.03
CA MET A 235 22.70 19.37 12.09
C MET A 235 23.59 18.49 11.21
N GLU A 236 24.12 17.39 11.74
CA GLU A 236 24.91 16.49 10.89
C GLU A 236 24.04 15.86 9.81
N LEU A 237 22.81 15.50 10.15
CA LEU A 237 21.91 14.98 9.13
C LEU A 237 21.56 16.03 8.09
N VAL A 238 21.31 17.26 8.53
CA VAL A 238 21.02 18.37 7.62
C VAL A 238 22.21 18.59 6.67
N GLN A 239 23.42 18.64 7.21
CA GLN A 239 24.59 18.86 6.39
C GLN A 239 24.77 17.78 5.34
N ILE A 240 24.37 16.53 5.65
CA ILE A 240 24.39 15.45 4.66
C ILE A 240 23.47 15.80 3.50
N TRP A 241 22.26 16.27 3.81
CA TRP A 241 21.32 16.69 2.79
C TRP A 241 21.87 17.86 1.98
N GLU A 242 22.37 18.88 2.67
CA GLU A 242 22.92 20.05 1.98
C GLU A 242 24.05 19.66 1.04
N LYS A 243 24.88 18.70 1.44
CA LYS A 243 25.99 18.31 0.58
C LYS A 243 25.48 17.55 -0.64
N LEU A 244 24.44 16.74 -0.51
CA LEU A 244 23.94 15.97 -1.64
C LEU A 244 23.20 16.85 -2.64
N THR A 245 22.49 17.87 -2.14
CA THR A 245 21.76 18.81 -2.99
C THR A 245 22.59 20.03 -3.37
N GLU A 246 23.83 20.14 -2.88
CA GLU A 246 24.71 21.27 -3.18
C GLU A 246 24.07 22.61 -2.90
N LYS A 247 23.33 22.71 -1.79
CA LYS A 247 22.65 23.96 -1.45
C LYS A 247 22.35 23.99 0.05
N GLU A 248 22.55 25.15 0.65
CA GLU A 248 22.31 25.32 2.08
C GLU A 248 20.83 25.60 2.34
N LEU A 249 20.30 24.98 3.38
CA LEU A 249 18.90 25.14 3.75
C LEU A 249 18.71 26.35 4.66
N GLU A 250 17.62 27.07 4.45
CA GLU A 250 17.20 28.10 5.40
C GLU A 250 16.81 27.43 6.71
N LYS A 251 17.09 28.09 7.84
CA LYS A 251 17.00 27.43 9.14
C LYS A 251 16.27 28.30 10.15
N THR A 252 15.28 27.70 10.82
CA THR A 252 14.58 28.30 11.95
C THR A 252 14.89 27.44 13.18
N TYR A 253 15.51 28.05 14.19
CA TYR A 253 15.90 27.34 15.40
C TYR A 253 14.80 27.41 16.44
N VAL A 254 14.45 26.26 16.99
CA VAL A 254 13.31 26.07 17.90
C VAL A 254 13.87 25.70 19.26
N SER A 255 13.76 26.62 20.23
CA SER A 255 14.30 26.33 21.55
C SER A 255 13.44 25.29 22.28
N GLY A 256 14.00 24.77 23.36
CA GLY A 256 13.34 23.68 24.08
C GLY A 256 11.98 24.06 24.61
N ASN A 257 11.88 25.24 25.25
CA ASN A 257 10.59 25.61 25.83
C ASN A 257 9.61 26.11 24.78
N ASP A 258 10.09 26.71 23.69
CA ASP A 258 9.21 26.97 22.55
C ASP A 258 8.65 25.68 21.99
N PHE A 259 9.42 24.59 22.08
CA PHE A 259 8.90 23.29 21.65
C PHE A 259 7.82 22.79 22.61
N LEU A 260 8.13 22.78 23.91
CA LEU A 260 7.20 22.23 24.89
C LEU A 260 5.98 23.13 25.09
N ALA A 261 6.11 24.43 24.83
CA ALA A 261 4.96 25.30 24.93
C ALA A 261 3.95 25.09 23.82
N ASP A 262 4.32 24.33 22.77
CA ASP A 262 3.41 24.02 21.68
C ASP A 262 2.73 22.67 21.86
N ILE A 263 2.48 22.26 23.11
CA ILE A 263 1.81 21.00 23.39
C ILE A 263 0.61 21.25 24.30
N ALA A 272 1.70 12.27 22.38
CA ALA A 272 2.69 11.80 23.33
C ALA A 272 4.01 11.52 22.61
N GLY A 273 3.91 11.35 21.29
CA GLY A 273 5.11 11.30 20.48
C GLY A 273 5.84 12.62 20.49
N LEU A 274 5.09 13.72 20.57
CA LEU A 274 5.68 15.03 20.76
C LEU A 274 6.56 15.07 22.00
N GLY A 275 6.19 14.34 23.05
CA GLY A 275 7.01 14.25 24.24
C GLY A 275 8.20 13.33 24.05
N HIS A 276 8.00 12.24 23.31
CA HIS A 276 9.11 11.33 23.04
C HIS A 276 10.13 11.95 22.10
N PHE A 277 9.63 12.71 21.11
CA PHE A 277 10.50 13.49 20.24
C PHE A 277 11.38 14.44 21.06
N TYR A 278 10.80 15.12 22.03
CA TYR A 278 11.57 16.01 22.89
C TYR A 278 12.66 15.25 23.63
N HIS A 279 12.33 14.07 24.16
CA HIS A 279 13.33 13.27 24.86
C HIS A 279 14.49 12.88 23.96
N ILE A 280 14.23 12.69 22.67
CA ILE A 280 15.28 12.25 21.74
C ILE A 280 16.16 13.42 21.32
N TYR A 281 15.54 14.49 20.84
CA TYR A 281 16.26 15.57 20.17
C TYR A 281 16.72 16.67 21.10
N TYR A 282 16.14 16.78 22.29
CA TYR A 282 16.55 17.79 23.27
C TYR A 282 17.30 17.21 24.46
N GLU A 283 16.86 16.05 24.97
CA GLU A 283 17.57 15.40 26.07
C GLU A 283 18.54 14.32 25.62
N GLY A 284 18.52 13.91 24.36
CA GLY A 284 19.48 12.94 23.87
C GLY A 284 19.38 11.56 24.49
N CYS A 285 18.17 11.05 24.65
CA CYS A 285 17.97 9.80 25.38
C CYS A 285 18.47 8.57 24.63
N LEU A 286 18.61 8.65 23.31
CA LEU A 286 19.14 7.51 22.57
C LEU A 286 20.65 7.36 22.70
N THR A 287 21.35 8.36 23.25
CA THR A 287 22.81 8.32 23.25
C THR A 287 23.43 8.70 24.60
N ASP A 288 22.64 8.81 25.67
CA ASP A 288 23.16 9.29 26.94
C ASP A 288 23.63 8.17 27.86
N HIS A 289 23.75 6.95 27.34
CA HIS A 289 24.23 5.81 28.11
C HIS A 289 25.03 4.91 27.18
N GLU A 290 26.00 4.20 27.75
CA GLU A 290 26.82 3.29 26.98
C GLU A 290 26.13 1.94 26.84
N VAL A 291 26.48 1.22 25.77
CA VAL A 291 25.95 -0.11 25.51
C VAL A 291 27.13 -1.05 25.26
N GLY A 292 27.08 -2.23 25.86
CA GLY A 292 28.13 -3.20 25.65
C GLY A 292 28.03 -3.87 24.29
N ASP A 293 29.18 -4.34 23.79
CA ASP A 293 29.22 -5.04 22.50
C ASP A 293 28.33 -6.28 22.53
N ASP A 294 28.25 -6.95 23.67
CA ASP A 294 27.44 -8.15 23.78
C ASP A 294 25.95 -7.87 23.74
N GLU A 295 25.52 -6.60 23.65
CA GLU A 295 24.09 -6.28 23.60
C GLU A 295 23.79 -5.25 22.52
N GLU A 296 24.68 -5.07 21.55
CA GLU A 296 24.46 -4.11 20.49
C GLU A 296 24.41 -4.83 19.15
N ALA A 297 23.44 -4.44 18.32
CA ALA A 297 23.08 -5.20 17.14
C ALA A 297 24.22 -5.28 16.13
N THR A 298 24.93 -4.17 15.90
CA THR A 298 25.97 -4.23 14.86
C THR A 298 27.14 -5.10 15.29
N LYS A 299 27.42 -5.17 16.59
CA LYS A 299 28.45 -6.06 17.10
C LYS A 299 28.00 -7.51 17.11
N LEU A 300 26.74 -7.76 17.51
CA LEU A 300 26.23 -9.13 17.50
C LEU A 300 26.12 -9.67 16.08
N TYR A 301 25.78 -8.81 15.11
CA TYR A 301 25.50 -9.23 13.74
C TYR A 301 26.30 -8.36 12.78
N PRO A 302 27.63 -8.56 12.72
CA PRO A 302 28.47 -7.70 11.89
C PRO A 302 28.39 -8.01 10.41
N ASP A 303 27.71 -9.11 10.04
CA ASP A 303 27.44 -9.44 8.65
C ASP A 303 26.37 -8.56 8.02
N VAL A 304 25.66 -7.75 8.79
CA VAL A 304 24.64 -6.84 8.27
C VAL A 304 25.32 -5.52 7.90
N LYS A 305 25.41 -5.22 6.61
CA LYS A 305 26.04 -3.97 6.21
C LYS A 305 24.96 -2.90 6.17
N TYR A 306 24.77 -2.25 7.32
CA TYR A 306 23.65 -1.34 7.50
C TYR A 306 23.79 -0.11 6.61
N LYS A 307 22.65 0.38 6.12
CA LYS A 307 22.65 1.53 5.24
C LYS A 307 22.98 2.80 6.02
N ARG A 308 23.96 3.56 5.54
CA ARG A 308 24.30 4.84 6.11
C ARG A 308 23.31 5.91 5.64
N MET A 309 23.21 7.01 6.41
CA MET A 309 22.20 8.02 6.11
C MET A 309 22.52 8.79 4.83
N ASP A 310 23.79 8.86 4.40
CA ASP A 310 24.03 9.48 3.11
C ASP A 310 23.52 8.60 1.98
N GLU A 311 23.67 7.28 2.09
CA GLU A 311 23.10 6.41 1.07
C GLU A 311 21.58 6.43 1.14
N TYR A 312 21.01 6.50 2.34
CA TYR A 312 19.56 6.56 2.47
C TYR A 312 18.99 7.82 1.82
N LEU A 313 19.60 8.98 2.11
CA LEU A 313 19.05 10.24 1.62
C LEU A 313 19.29 10.43 0.13
N LYS A 314 20.28 9.73 -0.44
CA LYS A 314 20.61 9.89 -1.86
C LYS A 314 19.40 9.61 -2.75
N ILE A 315 18.50 8.73 -2.29
CA ILE A 315 17.38 8.32 -3.12
C ILE A 315 16.39 9.46 -3.34
N PHE A 316 16.36 10.46 -2.46
CA PHE A 316 15.34 11.49 -2.52
C PHE A 316 15.83 12.79 -3.15
N VAL A 317 17.11 12.88 -3.51
CA VAL A 317 17.67 14.09 -4.10
C VAL A 317 17.34 14.15 -5.59
N LYS B 9 5.36 16.65 -25.85
CA LYS B 9 4.89 15.73 -24.81
C LYS B 9 3.54 16.19 -24.29
N THR B 10 2.54 15.31 -24.30
CA THR B 10 1.27 15.63 -23.66
C THR B 10 1.50 15.75 -22.16
N ARG B 11 0.95 16.81 -21.56
CA ARG B 11 1.02 17.01 -20.12
C ARG B 11 -0.24 16.42 -19.48
N VAL B 12 -0.05 15.51 -18.52
CA VAL B 12 -1.15 14.74 -17.92
C VAL B 12 -1.14 14.92 -16.40
N LEU B 13 -2.30 15.23 -15.82
CA LEU B 13 -2.47 15.22 -14.37
C LEU B 13 -3.27 13.98 -13.98
N VAL B 14 -2.69 13.15 -13.12
CA VAL B 14 -3.37 11.98 -12.60
C VAL B 14 -3.89 12.28 -11.20
N VAL B 15 -5.20 12.11 -11.02
CA VAL B 15 -5.89 12.38 -9.76
C VAL B 15 -6.31 11.04 -9.19
N GLY B 16 -5.91 10.77 -7.95
CA GLY B 16 -6.05 9.43 -7.37
C GLY B 16 -4.85 8.54 -7.62
N GLY B 17 -3.66 9.11 -7.72
CA GLY B 17 -2.45 8.37 -8.05
C GLY B 17 -1.92 7.47 -6.96
N THR B 18 -2.42 7.57 -5.73
CA THR B 18 -2.08 6.57 -4.72
C THR B 18 -3.12 5.46 -4.65
N GLY B 19 -4.11 5.46 -5.53
CA GLY B 19 -5.11 4.40 -5.54
C GLY B 19 -4.59 3.18 -6.27
N SER B 20 -5.46 2.19 -6.38
CA SER B 20 -5.09 0.94 -7.06
C SER B 20 -4.89 1.16 -8.56
N LEU B 21 -5.97 1.42 -9.28
CA LEU B 21 -5.82 1.77 -10.69
C LEU B 21 -4.90 2.98 -10.87
N GLY B 22 -5.07 4.00 -10.01
CA GLY B 22 -4.40 5.26 -10.26
C GLY B 22 -2.88 5.16 -10.23
N ARG B 23 -2.33 4.31 -9.33
CA ARG B 23 -0.87 4.16 -9.30
C ARG B 23 -0.37 3.43 -10.52
N ARG B 24 -1.21 2.55 -11.08
CA ARG B 24 -0.82 1.89 -12.31
C ARG B 24 -0.90 2.85 -13.49
N ILE B 25 -1.86 3.78 -13.45
CA ILE B 25 -1.97 4.76 -14.54
C ILE B 25 -0.75 5.70 -14.53
N VAL B 26 -0.35 6.17 -13.35
CA VAL B 26 0.89 6.97 -13.26
C VAL B 26 2.05 6.22 -13.89
N SER B 27 2.22 4.93 -13.55
CA SER B 27 3.33 4.17 -14.10
C SER B 27 3.24 4.08 -15.61
N ALA B 28 2.04 3.80 -16.14
CA ALA B 28 1.89 3.68 -17.58
C ALA B 28 2.05 5.04 -18.27
N CYS B 29 1.68 6.13 -17.60
CA CYS B 29 1.89 7.45 -18.20
C CYS B 29 3.38 7.76 -18.33
N LEU B 30 4.17 7.43 -17.31
CA LEU B 30 5.61 7.60 -17.41
C LEU B 30 6.20 6.71 -18.49
N ALA B 31 5.73 5.46 -18.57
CA ALA B 31 6.19 4.54 -19.60
C ALA B 31 5.95 5.09 -21.01
N GLU B 32 4.80 5.76 -21.22
CA GLU B 32 4.47 6.34 -22.52
C GLU B 32 5.23 7.62 -22.82
N GLY B 33 5.90 8.21 -21.85
CA GLY B 33 6.61 9.44 -22.11
C GLY B 33 5.79 10.71 -21.95
N HIS B 34 4.58 10.62 -21.39
CA HIS B 34 3.83 11.82 -21.04
C HIS B 34 4.56 12.61 -19.95
N GLU B 35 4.45 13.93 -20.02
CA GLU B 35 4.87 14.76 -18.90
C GLU B 35 3.83 14.58 -17.81
N THR B 36 4.18 13.87 -16.74
CA THR B 36 3.20 13.26 -15.85
C THR B 36 3.18 14.05 -14.54
N TYR B 37 2.02 14.57 -14.18
CA TYR B 37 1.80 15.28 -12.94
C TYR B 37 0.88 14.43 -12.07
N VAL B 38 1.16 14.38 -10.78
CA VAL B 38 0.36 13.58 -9.84
C VAL B 38 -0.10 14.49 -8.72
N LEU B 39 -1.41 14.51 -8.47
CA LEU B 39 -1.92 15.31 -7.38
C LEU B 39 -1.47 14.70 -6.06
N GLN B 40 -0.92 15.53 -5.19
CA GLN B 40 -0.40 15.11 -3.89
C GLN B 40 -1.30 15.72 -2.82
N ARG B 41 -2.07 14.95 -2.27
CA ARG B 41 -3.12 15.40 -1.36
C ARG B 41 -2.64 15.38 0.09
N PRO B 42 -3.06 16.36 0.89
CA PRO B 42 -2.58 16.40 2.29
C PRO B 42 -2.97 15.17 3.09
N GLU B 43 -4.07 14.51 2.74
CA GLU B 43 -4.62 13.43 3.53
C GLU B 43 -3.82 12.12 3.43
N ILE B 44 -2.93 11.98 2.46
CA ILE B 44 -2.08 10.79 2.39
C ILE B 44 -0.75 10.99 3.10
N GLY B 45 -0.49 12.18 3.64
CA GLY B 45 0.80 12.48 4.23
C GLY B 45 1.11 11.72 5.51
N VAL B 46 0.09 11.13 6.15
CA VAL B 46 0.35 10.31 7.33
C VAL B 46 0.76 8.89 6.97
N ASP B 47 0.61 8.50 5.70
CA ASP B 47 0.75 7.12 5.26
C ASP B 47 2.10 6.97 4.57
N ILE B 48 3.04 6.32 5.26
CA ILE B 48 4.39 6.20 4.71
C ILE B 48 4.38 5.42 3.40
N GLU B 49 3.50 4.42 3.27
CA GLU B 49 3.39 3.72 1.99
C GLU B 49 3.07 4.69 0.89
N LYS B 50 2.09 5.58 1.12
CA LYS B 50 1.66 6.51 0.08
C LYS B 50 2.72 7.56 -0.19
N VAL B 51 3.42 8.01 0.86
CA VAL B 51 4.44 9.04 0.67
C VAL B 51 5.60 8.48 -0.15
N GLN B 52 6.04 7.26 0.16
CA GLN B 52 7.15 6.66 -0.57
C GLN B 52 6.73 6.31 -2.00
N LEU B 53 5.47 5.91 -2.21
CA LEU B 53 4.99 5.72 -3.58
C LEU B 53 5.10 7.01 -4.39
N LEU B 54 4.62 8.10 -3.84
CA LEU B 54 4.69 9.37 -4.58
C LEU B 54 6.13 9.78 -4.83
N LEU B 55 7.00 9.57 -3.84
CA LEU B 55 8.41 9.86 -4.05
C LEU B 55 9.02 8.95 -5.12
N SER B 56 8.52 7.71 -5.25
CA SER B 56 8.97 6.86 -6.34
C SER B 56 8.59 7.43 -7.70
N PHE B 57 7.38 7.99 -7.82
CA PHE B 57 6.98 8.65 -9.08
C PHE B 57 7.88 9.85 -9.38
N LYS B 58 8.12 10.68 -8.36
CA LYS B 58 8.99 11.84 -8.57
C LYS B 58 10.37 11.39 -9.04
N ARG B 59 10.89 10.30 -8.44
CA ARG B 59 12.19 9.78 -8.85
C ARG B 59 12.21 9.38 -10.32
N LEU B 60 11.10 8.88 -10.84
CA LEU B 60 11.01 8.46 -12.24
C LEU B 60 10.68 9.59 -13.20
N GLY B 61 10.55 10.82 -12.71
CA GLY B 61 10.31 11.96 -13.58
C GLY B 61 8.97 12.63 -13.44
N ALA B 62 8.09 12.12 -12.57
CA ALA B 62 6.80 12.76 -12.37
C ALA B 62 6.95 14.04 -11.55
N HIS B 63 5.96 14.91 -11.68
CA HIS B 63 5.86 16.12 -10.89
C HIS B 63 4.75 15.93 -9.87
N LEU B 64 5.02 16.26 -8.61
CA LEU B 64 4.02 16.18 -7.57
C LEU B 64 3.40 17.55 -7.41
N VAL B 65 2.07 17.62 -7.47
CA VAL B 65 1.35 18.89 -7.41
C VAL B 65 0.44 18.86 -6.19
N GLU B 66 0.70 19.74 -5.23
CA GLU B 66 -0.05 19.72 -3.98
C GLU B 66 -1.47 20.24 -4.22
N GLY B 67 -2.45 19.53 -3.69
CA GLY B 67 -3.81 19.94 -3.84
C GLY B 67 -4.74 19.02 -3.07
N SER B 68 -5.95 19.51 -2.84
CA SER B 68 -6.93 18.83 -2.00
C SER B 68 -8.31 18.92 -2.64
N PHE B 69 -9.09 17.86 -2.48
CA PHE B 69 -10.45 17.84 -3.00
C PHE B 69 -11.33 18.88 -2.33
N SER B 70 -11.01 19.24 -1.09
CA SER B 70 -11.78 20.24 -0.35
C SER B 70 -11.33 21.67 -0.62
N ASP B 71 -10.35 21.87 -1.49
CA ASP B 71 -9.79 23.18 -1.81
C ASP B 71 -9.99 23.40 -3.30
N HIS B 72 -11.09 24.05 -3.66
CA HIS B 72 -11.45 24.19 -5.06
C HIS B 72 -10.32 24.83 -5.86
N GLN B 73 -9.77 25.95 -5.38
CA GLN B 73 -8.79 26.65 -6.18
C GLN B 73 -7.47 25.90 -6.28
N SER B 74 -7.15 25.04 -5.30
CA SER B 74 -5.98 24.18 -5.47
C SER B 74 -6.17 23.22 -6.64
N LEU B 75 -7.40 22.72 -6.83
CA LEU B 75 -7.69 21.87 -7.99
C LEU B 75 -7.64 22.66 -9.30
N VAL B 76 -8.17 23.88 -9.30
CA VAL B 76 -8.07 24.70 -10.52
C VAL B 76 -6.60 24.91 -10.88
N SER B 77 -5.79 25.32 -9.89
CA SER B 77 -4.37 25.55 -10.17
C SER B 77 -3.70 24.29 -10.70
N ALA B 78 -4.10 23.12 -10.19
CA ALA B 78 -3.50 21.87 -10.67
C ALA B 78 -3.88 21.62 -12.13
N VAL B 79 -5.17 21.69 -12.47
CA VAL B 79 -5.53 21.35 -13.83
C VAL B 79 -5.08 22.41 -14.81
N LYS B 80 -4.86 23.65 -14.35
CA LYS B 80 -4.41 24.68 -15.29
C LYS B 80 -3.01 24.40 -15.83
N GLN B 81 -2.27 23.45 -15.25
CA GLN B 81 -0.90 23.16 -15.66
C GLN B 81 -0.79 22.06 -16.73
N VAL B 82 -1.88 21.36 -17.09
CA VAL B 82 -1.78 20.20 -17.96
C VAL B 82 -2.78 20.32 -19.12
N ASP B 83 -2.63 19.42 -20.09
CA ASP B 83 -3.56 19.27 -21.21
C ASP B 83 -4.63 18.22 -20.95
N VAL B 84 -4.33 17.19 -20.15
CA VAL B 84 -5.24 16.06 -19.95
C VAL B 84 -5.33 15.75 -18.46
N VAL B 85 -6.54 15.54 -17.96
CA VAL B 85 -6.77 15.07 -16.59
C VAL B 85 -7.32 13.65 -16.64
N VAL B 86 -6.66 12.75 -15.92
CA VAL B 86 -7.15 11.37 -15.72
C VAL B 86 -7.45 11.21 -14.23
N SER B 87 -8.63 10.68 -13.91
CA SER B 87 -8.94 10.45 -12.50
C SER B 87 -9.36 9.01 -12.28
N ALA B 88 -8.95 8.45 -11.13
CA ALA B 88 -9.21 7.05 -10.81
C ALA B 88 -9.39 6.93 -9.31
N MET B 89 -10.58 6.56 -8.85
CA MET B 89 -10.91 6.61 -7.42
C MET B 89 -10.86 5.25 -6.72
N SER B 90 -10.62 4.17 -7.45
CA SER B 90 -10.51 2.85 -6.84
C SER B 90 -9.32 2.80 -5.88
N GLY B 91 -9.57 2.55 -4.60
CA GLY B 91 -8.52 2.50 -3.61
C GLY B 91 -8.15 3.84 -3.00
N VAL B 92 -8.95 4.88 -3.22
CA VAL B 92 -8.67 6.21 -2.68
C VAL B 92 -9.59 6.43 -1.47
N HIS B 93 -9.00 6.80 -0.34
CA HIS B 93 -9.65 6.78 0.97
C HIS B 93 -10.15 5.37 1.30
N ILE B 99 -19.01 10.17 -6.03
CA ILE B 99 -19.62 10.99 -7.09
C ILE B 99 -19.33 12.49 -6.79
N PRO B 100 -19.36 12.90 -5.50
CA PRO B 100 -18.95 14.31 -5.21
C PRO B 100 -17.51 14.60 -5.64
N VAL B 101 -16.55 13.72 -5.36
CA VAL B 101 -15.17 14.01 -5.75
C VAL B 101 -15.04 14.25 -7.25
N GLN B 102 -15.57 13.33 -8.06
CA GLN B 102 -15.51 13.53 -9.51
C GLN B 102 -16.23 14.81 -9.93
N LEU B 103 -17.34 15.14 -9.28
CA LEU B 103 -18.05 16.35 -9.65
C LEU B 103 -17.25 17.59 -9.26
N LYS B 104 -16.48 17.50 -8.19
CA LYS B 104 -15.59 18.62 -7.84
C LYS B 104 -14.50 18.79 -8.89
N LEU B 105 -13.96 17.69 -9.41
CA LEU B 105 -12.96 17.77 -10.46
C LEU B 105 -13.53 18.42 -11.72
N VAL B 106 -14.76 18.04 -12.09
CA VAL B 106 -15.40 18.63 -13.27
C VAL B 106 -15.55 20.14 -13.10
N ALA B 107 -15.99 20.56 -11.91
CA ALA B 107 -16.16 21.98 -11.64
C ALA B 107 -14.85 22.72 -11.83
N ALA B 108 -13.75 22.14 -11.33
CA ALA B 108 -12.45 22.80 -11.43
C ALA B 108 -11.96 22.82 -12.87
N ILE B 109 -12.22 21.74 -13.61
CA ILE B 109 -11.84 21.69 -15.02
C ILE B 109 -12.62 22.73 -15.82
N LYS B 110 -13.92 22.84 -15.56
CA LYS B 110 -14.72 23.84 -16.28
C LYS B 110 -14.21 25.25 -16.01
N GLU B 111 -13.97 25.58 -14.74
CA GLU B 111 -13.47 26.92 -14.42
C GLU B 111 -12.09 27.16 -15.02
N ALA B 112 -11.20 26.17 -14.96
CA ALA B 112 -9.86 26.35 -15.50
C ALA B 112 -9.90 26.67 -16.99
N GLY B 113 -10.65 25.89 -17.76
CA GLY B 113 -10.92 26.20 -19.15
C GLY B 113 -9.89 25.71 -20.15
N ASN B 114 -8.74 25.20 -19.70
CA ASN B 114 -7.64 24.87 -20.60
C ASN B 114 -7.56 23.38 -20.95
N VAL B 115 -8.36 22.54 -20.30
CA VAL B 115 -8.15 21.09 -20.39
C VAL B 115 -8.69 20.56 -21.71
N LYS B 116 -7.85 19.86 -22.45
CA LYS B 116 -8.22 19.32 -23.75
C LYS B 116 -8.99 18.01 -23.65
N ARG B 117 -8.80 17.24 -22.56
CA ARG B 117 -9.50 15.96 -22.45
C ARG B 117 -9.49 15.47 -21.00
N PHE B 118 -10.64 14.97 -20.56
CA PHE B 118 -10.82 14.43 -19.22
C PHE B 118 -11.19 12.95 -19.31
N LEU B 119 -10.48 12.08 -18.57
CA LEU B 119 -10.73 10.63 -18.58
C LEU B 119 -11.07 10.18 -17.17
N PRO B 120 -12.33 10.27 -16.76
CA PRO B 120 -12.73 9.75 -15.44
C PRO B 120 -12.86 8.24 -15.54
N SER B 121 -12.17 7.53 -14.66
CA SER B 121 -12.37 6.09 -14.56
C SER B 121 -13.79 5.80 -14.10
N GLU B 122 -14.43 4.85 -14.76
CA GLU B 122 -15.73 4.37 -14.32
C GLU B 122 -15.65 2.93 -13.84
N PHE B 123 -14.44 2.49 -13.48
CA PHE B 123 -14.21 1.15 -12.97
C PHE B 123 -14.65 0.10 -13.99
N GLY B 124 -14.52 0.42 -15.27
CA GLY B 124 -14.97 -0.46 -16.35
C GLY B 124 -16.47 -0.54 -16.55
N MET B 125 -17.27 0.18 -15.77
CA MET B 125 -18.72 0.02 -15.79
C MET B 125 -19.33 1.21 -16.51
N ASP B 126 -19.90 0.96 -17.68
CA ASP B 126 -20.67 1.94 -18.44
C ASP B 126 -21.94 2.33 -17.67
N PRO B 127 -22.05 3.56 -17.15
CA PRO B 127 -23.25 3.95 -16.42
C PRO B 127 -24.44 4.31 -17.31
N SER B 128 -24.28 4.32 -18.63
CA SER B 128 -25.35 4.80 -19.51
C SER B 128 -26.24 3.67 -20.02
N ARG B 129 -26.07 2.45 -19.49
CA ARG B 129 -26.85 1.29 -19.89
C ARG B 129 -28.05 1.10 -18.97
N THR B 140 -30.30 4.73 -9.37
CA THR B 140 -31.08 5.16 -10.53
C THR B 140 -30.23 5.71 -11.69
N PHE B 141 -30.81 5.68 -12.88
CA PHE B 141 -30.10 6.03 -14.11
C PHE B 141 -29.51 7.44 -14.04
N ASP B 142 -30.28 8.40 -13.55
CA ASP B 142 -29.81 9.78 -13.55
C ASP B 142 -28.72 10.01 -12.51
N GLN B 143 -28.75 9.27 -11.40
CA GLN B 143 -27.65 9.36 -10.44
C GLN B 143 -26.39 8.71 -11.01
N LYS B 144 -26.52 7.57 -11.68
CA LYS B 144 -25.34 6.95 -12.29
C LYS B 144 -24.74 7.82 -13.38
N MET B 145 -25.55 8.62 -14.07
CA MET B 145 -25.12 9.44 -15.19
C MET B 145 -24.69 10.84 -14.78
N GLU B 146 -24.59 11.10 -13.47
CA GLU B 146 -24.41 12.47 -13.01
C GLU B 146 -23.10 13.06 -13.49
N ILE B 147 -22.03 12.27 -13.48
CA ILE B 147 -20.74 12.81 -13.91
C ILE B 147 -20.72 13.03 -15.41
N ARG B 148 -21.19 12.05 -16.18
CA ARG B 148 -21.23 12.20 -17.63
C ARG B 148 -22.10 13.40 -18.03
N ASN B 149 -23.20 13.64 -17.30
CA ASN B 149 -24.06 14.78 -17.63
C ASN B 149 -23.36 16.11 -17.35
N ALA B 150 -22.60 16.17 -16.26
CA ALA B 150 -21.88 17.39 -15.93
C ALA B 150 -20.73 17.63 -16.91
N ILE B 151 -20.06 16.56 -17.36
CA ILE B 151 -19.07 16.69 -18.41
C ILE B 151 -19.69 17.26 -19.68
N LYS B 152 -20.82 16.69 -20.10
CA LYS B 152 -21.47 17.18 -21.31
C LYS B 152 -21.93 18.62 -21.16
N ALA B 153 -22.51 18.96 -20.01
CA ALA B 153 -23.00 20.33 -19.80
C ALA B 153 -21.86 21.35 -19.78
N ALA B 154 -20.69 20.96 -19.28
CA ALA B 154 -19.56 21.88 -19.23
C ALA B 154 -18.83 21.98 -20.56
N GLY B 155 -19.19 21.17 -21.55
CA GLY B 155 -18.43 21.17 -22.79
C GLY B 155 -17.03 20.62 -22.65
N ILE B 156 -16.84 19.66 -21.74
CA ILE B 156 -15.52 19.08 -21.52
C ILE B 156 -15.34 17.90 -22.46
N SER B 157 -14.26 17.90 -23.25
CA SER B 157 -13.95 16.73 -24.08
C SER B 157 -13.39 15.59 -23.22
N HIS B 158 -13.60 14.35 -23.67
CA HIS B 158 -13.42 13.21 -22.77
C HIS B 158 -13.11 11.94 -23.57
N THR B 159 -12.62 10.93 -22.86
CA THR B 159 -12.67 9.55 -23.33
C THR B 159 -13.13 8.70 -22.18
N TYR B 160 -14.09 7.82 -22.45
CA TYR B 160 -14.53 6.83 -21.47
C TYR B 160 -13.97 5.47 -21.87
N LEU B 161 -13.53 4.69 -20.88
CA LEU B 161 -13.11 3.31 -21.06
C LEU B 161 -14.05 2.43 -20.25
N VAL B 162 -14.72 1.49 -20.92
CA VAL B 162 -15.77 0.69 -20.29
C VAL B 162 -15.70 -0.71 -20.88
N GLY B 163 -16.48 -1.62 -20.28
CA GLY B 163 -16.77 -2.89 -20.90
C GLY B 163 -16.13 -4.11 -20.27
N ALA B 164 -15.35 -3.96 -19.19
CA ALA B 164 -14.61 -5.10 -18.67
C ALA B 164 -14.57 -5.08 -17.16
N CYS B 165 -14.60 -6.27 -16.57
CA CYS B 165 -14.38 -6.43 -15.13
C CYS B 165 -12.89 -6.46 -14.81
N PHE B 166 -12.47 -5.67 -13.84
CA PHE B 166 -11.08 -5.73 -13.39
C PHE B 166 -10.82 -7.09 -12.78
N ALA B 167 -9.75 -7.75 -13.21
CA ALA B 167 -9.50 -9.13 -12.83
C ALA B 167 -9.26 -9.26 -11.32
N ALA B 168 -8.63 -8.25 -10.69
CA ALA B 168 -8.39 -8.37 -9.24
C ALA B 168 -9.68 -8.50 -8.46
N TYR B 169 -10.76 -7.89 -8.96
CA TYR B 169 -12.00 -7.82 -8.20
C TYR B 169 -13.03 -8.85 -8.63
N PHE B 170 -12.88 -9.44 -9.81
CA PHE B 170 -13.87 -10.39 -10.32
C PHE B 170 -13.25 -11.68 -10.83
N GLY B 171 -11.95 -11.70 -11.14
CA GLY B 171 -11.31 -12.84 -11.74
C GLY B 171 -10.55 -13.69 -10.74
N GLY B 172 -9.61 -13.07 -10.03
CA GLY B 172 -8.79 -13.83 -9.09
C GLY B 172 -9.59 -14.48 -7.98
N ASN B 173 -10.70 -13.87 -7.58
CA ASN B 173 -11.55 -14.45 -6.54
C ASN B 173 -12.65 -15.36 -7.12
N LEU B 174 -12.58 -15.72 -8.39
CA LEU B 174 -13.62 -16.52 -9.03
C LEU B 174 -15.00 -15.89 -8.89
N SER B 175 -15.04 -14.56 -8.88
CA SER B 175 -16.28 -13.78 -8.82
C SER B 175 -17.06 -13.97 -7.53
N GLN B 176 -16.40 -14.38 -6.45
CA GLN B 176 -17.05 -14.42 -5.15
C GLN B 176 -16.94 -13.07 -4.43
N MET B 177 -17.77 -12.90 -3.40
CA MET B 177 -17.88 -11.64 -2.65
C MET B 177 -17.01 -11.63 -1.40
N GLY B 178 -16.55 -10.45 -1.03
CA GLY B 178 -15.95 -10.26 0.27
C GLY B 178 -14.50 -10.62 0.37
N THR B 179 -13.87 -11.04 -0.73
CA THR B 179 -12.47 -11.40 -0.71
C THR B 179 -11.90 -11.28 -2.12
N LEU B 180 -10.61 -10.98 -2.19
CA LEU B 180 -9.85 -11.00 -3.43
C LEU B 180 -9.06 -12.28 -3.61
N PHE B 181 -9.13 -13.22 -2.62
CA PHE B 181 -8.52 -14.53 -2.79
C PHE B 181 -9.51 -15.51 -3.43
N PRO B 182 -9.02 -16.47 -4.21
CA PRO B 182 -9.89 -17.54 -4.72
C PRO B 182 -10.31 -18.47 -3.59
N PRO B 183 -11.43 -19.16 -3.73
CA PRO B 183 -11.93 -19.98 -2.62
C PRO B 183 -11.13 -21.26 -2.47
N LYS B 184 -11.30 -21.89 -1.32
CA LYS B 184 -10.49 -23.07 -1.02
C LYS B 184 -11.11 -24.35 -1.60
N ASN B 185 -12.40 -24.60 -1.34
CA ASN B 185 -13.02 -25.76 -1.97
C ASN B 185 -14.51 -25.57 -2.28
N LYS B 186 -15.01 -24.35 -2.30
CA LYS B 186 -16.44 -24.12 -2.51
C LYS B 186 -16.63 -22.82 -3.30
N VAL B 187 -17.50 -22.82 -4.33
CA VAL B 187 -17.80 -21.63 -5.14
C VAL B 187 -19.29 -21.46 -5.32
N ASP B 188 -19.76 -20.21 -5.29
CA ASP B 188 -21.09 -19.90 -5.79
C ASP B 188 -21.02 -19.71 -7.29
N ILE B 189 -21.85 -20.46 -8.03
CA ILE B 189 -21.98 -20.29 -9.48
C ILE B 189 -23.28 -19.54 -9.72
N TYR B 190 -23.20 -18.46 -10.50
CA TYR B 190 -24.36 -17.58 -10.68
C TYR B 190 -25.17 -18.02 -11.89
N GLY B 191 -26.45 -18.34 -11.67
CA GLY B 191 -27.27 -18.89 -12.72
C GLY B 191 -26.74 -20.26 -13.08
N ASP B 192 -26.24 -20.42 -14.31
CA ASP B 192 -25.54 -21.63 -14.69
C ASP B 192 -24.05 -21.40 -14.92
N GLY B 193 -23.57 -20.17 -14.71
CA GLY B 193 -22.19 -19.86 -15.03
C GLY B 193 -21.89 -19.92 -16.50
N ASN B 194 -22.90 -19.70 -17.33
CA ASN B 194 -22.77 -19.80 -18.78
C ASN B 194 -23.06 -18.46 -19.46
N VAL B 195 -22.83 -17.36 -18.74
CA VAL B 195 -23.02 -16.01 -19.29
C VAL B 195 -21.64 -15.41 -19.49
N LYS B 196 -21.35 -14.98 -20.72
CA LYS B 196 -20.02 -14.45 -21.04
C LYS B 196 -19.77 -13.14 -20.29
N VAL B 197 -18.63 -13.09 -19.60
CA VAL B 197 -18.14 -11.91 -18.90
C VAL B 197 -16.82 -11.51 -19.55
N VAL B 198 -16.45 -10.24 -19.40
CA VAL B 198 -15.19 -9.72 -19.93
C VAL B 198 -14.29 -9.35 -18.76
N PHE B 199 -13.05 -9.84 -18.79
CA PHE B 199 -12.09 -9.60 -17.71
C PHE B 199 -10.88 -8.89 -18.27
N VAL B 200 -10.32 -7.96 -17.49
CA VAL B 200 -9.07 -7.32 -17.89
C VAL B 200 -8.20 -7.06 -16.67
N ASP B 201 -6.91 -7.34 -16.82
CA ASP B 201 -5.94 -7.00 -15.81
C ASP B 201 -5.90 -5.49 -15.60
N GLU B 202 -5.93 -5.05 -14.35
CA GLU B 202 -5.84 -3.63 -14.02
C GLU B 202 -4.62 -2.98 -14.67
N ASP B 203 -3.50 -3.71 -14.71
CA ASP B 203 -2.30 -3.19 -15.37
C ASP B 203 -2.57 -2.87 -16.83
N ASP B 204 -3.34 -3.73 -17.51
CA ASP B 204 -3.66 -3.49 -18.92
C ASP B 204 -4.61 -2.32 -19.09
N MET B 205 -5.62 -2.22 -18.22
CA MET B 205 -6.49 -1.05 -18.23
C MET B 205 -5.68 0.23 -18.16
N ALA B 206 -4.62 0.23 -17.33
CA ALA B 206 -3.80 1.43 -17.16
C ALA B 206 -3.02 1.76 -18.42
N LYS B 207 -2.49 0.75 -19.11
CA LYS B 207 -1.80 1.00 -20.37
C LYS B 207 -2.75 1.51 -21.44
N TYR B 208 -3.94 0.93 -21.55
CA TYR B 208 -4.92 1.44 -22.50
C TYR B 208 -5.25 2.89 -22.19
N THR B 209 -5.33 3.24 -20.90
CA THR B 209 -5.67 4.61 -20.51
C THR B 209 -4.57 5.57 -20.96
N ALA B 210 -3.32 5.22 -20.70
CA ALA B 210 -2.19 6.04 -21.11
C ALA B 210 -2.05 6.13 -22.62
N LYS B 211 -2.42 5.06 -23.36
CA LYS B 211 -2.32 5.14 -24.81
C LYS B 211 -3.46 5.94 -25.44
N THR B 212 -4.65 5.89 -24.85
CA THR B 212 -5.79 6.52 -25.49
C THR B 212 -5.90 8.02 -25.19
N LEU B 213 -5.25 8.50 -24.14
CA LEU B 213 -5.58 9.84 -23.63
C LEU B 213 -5.16 10.96 -24.57
N ASN B 214 -4.25 10.72 -25.51
CA ASN B 214 -3.96 11.70 -26.56
C ASN B 214 -4.12 11.10 -27.94
N ASP B 215 -4.91 10.04 -28.06
CA ASP B 215 -5.19 9.43 -29.35
C ASP B 215 -6.28 10.24 -30.02
N PRO B 216 -6.02 10.88 -31.16
CA PRO B 216 -7.09 11.60 -31.87
C PRO B 216 -8.31 10.75 -32.17
N ARG B 217 -8.10 9.44 -32.36
CA ARG B 217 -9.18 8.53 -32.75
C ARG B 217 -10.25 8.37 -31.66
N THR B 218 -9.91 8.64 -30.40
CA THR B 218 -10.81 8.41 -29.27
C THR B 218 -11.30 9.70 -28.62
N LEU B 219 -11.05 10.86 -29.22
CA LEU B 219 -11.58 12.11 -28.67
C LEU B 219 -13.11 12.08 -28.66
N ASN B 220 -13.68 12.33 -27.47
CA ASN B 220 -15.14 12.28 -27.24
C ASN B 220 -15.77 10.95 -27.65
N LYS B 221 -15.03 9.85 -27.43
CA LYS B 221 -15.49 8.51 -27.72
C LYS B 221 -15.58 7.69 -26.44
N THR B 222 -16.48 6.71 -26.46
CA THR B 222 -16.39 5.57 -25.56
C THR B 222 -15.52 4.49 -26.22
N VAL B 223 -14.52 4.04 -25.49
CA VAL B 223 -13.61 2.98 -25.92
C VAL B 223 -13.97 1.74 -25.11
N TYR B 224 -14.26 0.64 -25.81
CA TYR B 224 -14.66 -0.60 -25.16
C TYR B 224 -13.41 -1.47 -24.98
N VAL B 225 -13.25 -2.03 -23.79
CA VAL B 225 -12.11 -2.87 -23.51
C VAL B 225 -12.66 -4.30 -23.53
N ARG B 226 -12.37 -5.04 -24.60
CA ARG B 226 -12.90 -6.39 -24.78
C ARG B 226 -11.83 -7.32 -25.34
N PRO B 227 -10.89 -7.76 -24.49
CA PRO B 227 -9.84 -8.68 -24.98
C PRO B 227 -10.45 -10.03 -25.25
N THR B 228 -10.31 -10.50 -26.50
CA THR B 228 -11.10 -11.65 -26.94
C THR B 228 -10.78 -12.89 -26.11
N ASP B 229 -9.51 -13.13 -25.79
CA ASP B 229 -9.14 -14.29 -24.99
C ASP B 229 -9.66 -14.21 -23.56
N ASN B 230 -10.19 -13.05 -23.14
CA ASN B 230 -10.68 -12.88 -21.78
C ASN B 230 -12.19 -12.76 -21.74
N ILE B 231 -12.88 -13.14 -22.80
CA ILE B 231 -14.33 -13.24 -22.78
C ILE B 231 -14.64 -14.66 -22.34
N LEU B 232 -15.15 -14.79 -21.11
CA LEU B 232 -15.22 -16.06 -20.41
C LEU B 232 -16.51 -16.10 -19.61
N THR B 233 -17.21 -17.24 -19.65
CA THR B 233 -18.29 -17.45 -18.69
C THR B 233 -17.66 -17.75 -17.32
N GLN B 234 -18.46 -17.62 -16.27
CA GLN B 234 -17.91 -17.88 -14.94
C GLN B 234 -17.49 -19.33 -14.79
N MET B 235 -18.21 -20.26 -15.45
CA MET B 235 -17.79 -21.65 -15.41
C MET B 235 -16.46 -21.85 -16.13
N GLU B 236 -16.26 -21.17 -17.27
CA GLU B 236 -14.96 -21.24 -17.93
C GLU B 236 -13.84 -20.69 -17.03
N LEU B 237 -14.12 -19.62 -16.30
CA LEU B 237 -13.11 -19.08 -15.37
C LEU B 237 -12.82 -20.08 -14.24
N VAL B 238 -13.87 -20.65 -13.64
CA VAL B 238 -13.69 -21.66 -12.60
C VAL B 238 -12.90 -22.86 -13.14
N GLN B 239 -13.15 -23.25 -14.39
CA GLN B 239 -12.46 -24.39 -14.98
C GLN B 239 -10.96 -24.13 -15.12
N ILE B 240 -10.59 -22.89 -15.46
CA ILE B 240 -9.18 -22.52 -15.50
C ILE B 240 -8.54 -22.74 -14.14
N TRP B 241 -9.22 -22.33 -13.06
CA TRP B 241 -8.68 -22.50 -11.72
C TRP B 241 -8.62 -23.97 -11.32
N GLU B 242 -9.69 -24.73 -11.64
CA GLU B 242 -9.69 -26.15 -11.34
C GLU B 242 -8.55 -26.87 -12.06
N LYS B 243 -8.24 -26.45 -13.29
CA LYS B 243 -7.12 -27.09 -13.99
C LYS B 243 -5.78 -26.65 -13.39
N LEU B 244 -5.66 -25.38 -12.99
CA LEU B 244 -4.40 -24.92 -12.40
C LEU B 244 -4.11 -25.64 -11.09
N THR B 245 -5.14 -25.92 -10.29
CA THR B 245 -4.96 -26.55 -9.00
C THR B 245 -5.12 -28.06 -9.06
N GLU B 246 -5.70 -28.58 -10.13
CA GLU B 246 -5.97 -30.01 -10.33
C GLU B 246 -7.02 -30.54 -9.38
N LYS B 247 -7.93 -29.68 -8.91
CA LYS B 247 -8.98 -30.07 -7.97
C LYS B 247 -10.31 -29.46 -8.41
N GLU B 248 -11.37 -30.25 -8.37
CA GLU B 248 -12.69 -29.73 -8.65
C GLU B 248 -13.26 -29.05 -7.42
N LEU B 249 -13.90 -27.90 -7.62
CA LEU B 249 -14.52 -27.14 -6.55
C LEU B 249 -15.95 -27.62 -6.32
N GLU B 250 -16.36 -27.65 -5.05
CA GLU B 250 -17.77 -27.87 -4.73
C GLU B 250 -18.58 -26.65 -5.13
N LYS B 251 -19.72 -26.86 -5.77
CA LYS B 251 -20.44 -25.79 -6.42
C LYS B 251 -21.83 -25.63 -5.83
N THR B 252 -22.19 -24.40 -5.46
CA THR B 252 -23.55 -24.02 -5.12
C THR B 252 -24.06 -23.10 -6.21
N TYR B 253 -25.17 -23.50 -6.85
CA TYR B 253 -25.77 -22.71 -7.93
C TYR B 253 -26.76 -21.73 -7.33
N VAL B 254 -26.64 -20.46 -7.71
CA VAL B 254 -27.45 -19.38 -7.16
C VAL B 254 -28.31 -18.85 -8.30
N SER B 255 -29.63 -19.03 -8.19
CA SER B 255 -30.54 -18.55 -9.22
C SER B 255 -30.62 -17.02 -9.20
N GLY B 256 -31.08 -16.47 -10.31
CA GLY B 256 -31.27 -15.03 -10.37
C GLY B 256 -32.24 -14.51 -9.35
N ASN B 257 -33.33 -15.26 -9.11
CA ASN B 257 -34.32 -14.84 -8.14
C ASN B 257 -33.73 -14.80 -6.73
N ASP B 258 -32.97 -15.84 -6.36
CA ASP B 258 -32.36 -15.86 -5.03
C ASP B 258 -31.29 -14.78 -4.89
N PHE B 259 -30.53 -14.52 -5.95
CA PHE B 259 -29.56 -13.43 -5.89
C PHE B 259 -30.25 -12.10 -5.60
N LEU B 260 -31.32 -11.80 -6.35
CA LEU B 260 -32.02 -10.54 -6.17
C LEU B 260 -32.71 -10.46 -4.81
N ALA B 261 -33.26 -11.59 -4.33
CA ALA B 261 -33.92 -11.58 -3.04
C ALA B 261 -32.95 -11.24 -1.92
N ASP B 262 -31.71 -11.73 -2.00
CA ASP B 262 -30.73 -11.49 -0.96
C ASP B 262 -30.12 -10.10 -1.00
N ILE B 263 -30.31 -9.34 -2.08
CA ILE B 263 -29.86 -7.95 -2.09
C ILE B 263 -30.65 -7.11 -1.07
N GLU B 264 -31.71 -7.67 -0.51
CA GLU B 264 -32.64 -7.00 0.41
C GLU B 264 -33.43 -5.94 -0.35
N GLY B 273 -23.60 -1.93 -6.09
CA GLY B 273 -22.60 -2.83 -6.66
C GLY B 273 -23.16 -4.18 -7.03
N LEU B 274 -23.98 -4.74 -6.14
CA LEU B 274 -24.65 -5.99 -6.45
C LEU B 274 -25.56 -5.85 -7.67
N GLY B 275 -26.09 -4.66 -7.91
CA GLY B 275 -26.89 -4.43 -9.10
C GLY B 275 -26.07 -4.54 -10.38
N HIS B 276 -24.89 -3.88 -10.41
CA HIS B 276 -23.97 -4.08 -11.53
C HIS B 276 -23.61 -5.55 -11.68
N PHE B 277 -23.34 -6.22 -10.56
CA PHE B 277 -23.02 -7.64 -10.61
C PHE B 277 -24.16 -8.43 -11.27
N TYR B 278 -25.39 -8.19 -10.84
CA TYR B 278 -26.52 -8.92 -11.40
C TYR B 278 -26.61 -8.73 -12.92
N HIS B 279 -26.46 -7.48 -13.39
CA HIS B 279 -26.53 -7.21 -14.82
C HIS B 279 -25.41 -7.87 -15.59
N ILE B 280 -24.23 -8.01 -14.99
CA ILE B 280 -23.10 -8.60 -15.70
C ILE B 280 -23.22 -10.12 -15.77
N TYR B 281 -23.47 -10.77 -14.64
CA TYR B 281 -23.40 -12.23 -14.58
C TYR B 281 -24.72 -12.92 -14.92
N TYR B 282 -25.86 -12.26 -14.72
CA TYR B 282 -27.14 -12.85 -15.06
C TYR B 282 -27.72 -12.30 -16.36
N GLU B 283 -27.54 -11.02 -16.66
CA GLU B 283 -28.08 -10.46 -17.89
C GLU B 283 -27.06 -10.38 -19.02
N GLY B 284 -25.77 -10.55 -18.73
CA GLY B 284 -24.78 -10.57 -19.79
C GLY B 284 -24.53 -9.22 -20.43
N CYS B 285 -24.55 -8.16 -19.63
CA CYS B 285 -24.57 -6.81 -20.20
C CYS B 285 -23.22 -6.39 -20.78
N LEU B 286 -22.14 -7.14 -20.50
CA LEU B 286 -20.84 -6.81 -21.07
C LEU B 286 -20.65 -7.43 -22.45
N THR B 287 -21.46 -8.42 -22.82
CA THR B 287 -21.25 -9.20 -24.03
C THR B 287 -22.49 -9.27 -24.92
N ASP B 288 -23.51 -8.46 -24.64
CA ASP B 288 -24.78 -8.56 -25.34
C ASP B 288 -24.89 -7.60 -26.50
N HIS B 289 -23.80 -6.91 -26.84
CA HIS B 289 -23.77 -5.97 -27.96
C HIS B 289 -22.44 -6.10 -28.69
N GLU B 290 -22.44 -5.74 -29.97
CA GLU B 290 -21.22 -5.77 -30.77
C GLU B 290 -20.48 -4.44 -30.62
N VAL B 291 -19.16 -4.52 -30.70
CA VAL B 291 -18.28 -3.34 -30.73
C VAL B 291 -17.44 -3.40 -32.00
N GLY B 292 -17.24 -2.22 -32.64
CA GLY B 292 -16.38 -2.15 -33.80
C GLY B 292 -14.91 -2.04 -33.43
N ASP B 293 -14.07 -2.46 -34.39
CA ASP B 293 -12.62 -2.39 -34.23
C ASP B 293 -12.16 -0.97 -33.91
N ASP B 294 -12.78 0.03 -34.52
CA ASP B 294 -12.38 1.42 -34.30
C ASP B 294 -12.72 1.93 -32.91
N GLU B 295 -13.39 1.13 -32.07
CA GLU B 295 -13.76 1.58 -30.73
C GLU B 295 -13.45 0.52 -29.68
N GLU B 296 -12.55 -0.42 -29.98
CA GLU B 296 -12.19 -1.49 -29.05
C GLU B 296 -10.70 -1.39 -28.75
N ALA B 297 -10.36 -1.44 -27.46
CA ALA B 297 -9.00 -1.12 -27.04
C ALA B 297 -7.94 -2.04 -27.66
N THR B 298 -8.22 -3.34 -27.79
CA THR B 298 -7.15 -4.21 -28.29
C THR B 298 -6.94 -4.05 -29.79
N LYS B 299 -7.93 -3.54 -30.52
CA LYS B 299 -7.74 -3.23 -31.94
C LYS B 299 -7.02 -1.90 -32.10
N LEU B 300 -7.41 -0.90 -31.32
CA LEU B 300 -6.78 0.41 -31.37
C LEU B 300 -5.33 0.34 -30.92
N TYR B 301 -5.03 -0.47 -29.90
CA TYR B 301 -3.69 -0.54 -29.31
C TYR B 301 -3.24 -2.00 -29.31
N PRO B 302 -2.92 -2.54 -30.50
CA PRO B 302 -2.53 -3.95 -30.58
C PRO B 302 -1.15 -4.22 -30.02
N ASP B 303 -0.39 -3.19 -29.66
CA ASP B 303 0.92 -3.41 -29.06
C ASP B 303 0.83 -3.86 -27.60
N VAL B 304 -0.30 -3.65 -26.93
CA VAL B 304 -0.46 -4.12 -25.55
C VAL B 304 -0.73 -5.62 -25.57
N LYS B 305 0.20 -6.40 -25.03
CA LYS B 305 0.03 -7.86 -24.95
C LYS B 305 -0.72 -8.14 -23.66
N TYR B 306 -2.05 -8.11 -23.73
CA TYR B 306 -2.83 -8.15 -22.51
C TYR B 306 -2.69 -9.51 -21.83
N LYS B 307 -2.76 -9.51 -20.51
CA LYS B 307 -2.61 -10.73 -19.75
C LYS B 307 -3.89 -11.55 -19.81
N ARG B 308 -3.76 -12.83 -20.11
CA ARG B 308 -4.88 -13.76 -20.11
C ARG B 308 -5.13 -14.24 -18.69
N MET B 309 -6.35 -14.75 -18.46
CA MET B 309 -6.76 -15.06 -17.09
C MET B 309 -6.06 -16.32 -16.57
N ASP B 310 -5.64 -17.23 -17.43
CA ASP B 310 -4.85 -18.36 -16.93
C ASP B 310 -3.53 -17.87 -16.35
N GLU B 311 -2.90 -16.88 -16.98
CA GLU B 311 -1.68 -16.32 -16.42
C GLU B 311 -1.98 -15.51 -15.16
N TYR B 312 -3.08 -14.75 -15.17
CA TYR B 312 -3.45 -13.97 -13.99
C TYR B 312 -3.66 -14.86 -12.77
N LEU B 313 -4.37 -15.98 -12.94
CA LEU B 313 -4.72 -16.81 -11.80
C LEU B 313 -3.54 -17.61 -11.25
N LYS B 314 -2.52 -17.86 -12.07
CA LYS B 314 -1.43 -18.73 -11.63
C LYS B 314 -0.71 -18.19 -10.39
N ILE B 315 -0.71 -16.87 -10.20
CA ILE B 315 -0.02 -16.30 -9.03
C ILE B 315 -0.69 -16.69 -7.72
N PHE B 316 -1.94 -17.15 -7.73
CA PHE B 316 -2.64 -17.56 -6.52
C PHE B 316 -2.42 -19.02 -6.15
N VAL B 317 -1.76 -19.79 -7.01
CA VAL B 317 -1.70 -21.24 -6.84
C VAL B 317 -0.68 -21.62 -5.77
#